data_7ZKR
#
_entry.id   7ZKR
#
_cell.length_a   99.030
_cell.length_b   99.030
_cell.length_c   99.030
_cell.angle_alpha   90.000
_cell.angle_beta   90.000
_cell.angle_gamma   90.000
#
_symmetry.space_group_name_H-M   'I 2 3'
#
loop_
_entity.id
_entity.type
_entity.pdbx_description
1 polymer 'Gamma-aminobutyric acid receptor-associated protein'
2 polymer Pen3-ortho
3 non-polymer 'PHOSPHATE ION'
4 non-polymer 'CHLORIDE ION'
5 non-polymer ORTHO-XYLENE
6 water water
#
loop_
_entity_poly.entity_id
_entity_poly.type
_entity_poly.pdbx_seq_one_letter_code
_entity_poly.pdbx_strand_id
1 'polypeptide(L)'
;GSMKFVYKEEHPFEKRRSEGEKIRKKYPDRVPVIVEKAPKARIGDLDKKKYLVPSDLTVGQFYFLIRKRIHLRAEDALFF
FVNNVIPPTSATMGQLYQEHHEEDFFLYIAYSDESVYGL
;
A
2 'polypeptide(L)' (ACE)DA(LE1)YTWECLAWP(NH2) B
#
# COMPACT_ATOMS: atom_id res chain seq x y z
N MET A 3 1.75 -9.09 10.45
N MET A 3 1.80 -9.21 10.68
CA MET A 3 0.63 -8.36 9.85
CA MET A 3 0.67 -8.54 10.02
C MET A 3 -0.29 -9.30 9.07
C MET A 3 -0.21 -9.55 9.32
N LYS A 4 -1.52 -9.44 9.53
CA LYS A 4 -2.50 -10.31 8.91
C LYS A 4 -3.27 -9.53 7.86
N PHE A 5 -3.16 -9.96 6.61
CA PHE A 5 -3.89 -9.31 5.51
C PHE A 5 -5.08 -10.17 5.12
N VAL A 6 -6.27 -9.58 5.20
CA VAL A 6 -7.49 -10.26 4.79
C VAL A 6 -7.43 -10.69 3.33
N TYR A 7 -6.70 -9.94 2.50
CA TYR A 7 -6.58 -10.27 1.09
C TYR A 7 -6.12 -11.71 0.88
N LYS A 8 -5.23 -12.20 1.74
CA LYS A 8 -4.72 -13.56 1.56
C LYS A 8 -5.79 -14.61 1.86
N GLU A 9 -6.74 -14.30 2.74
CA GLU A 9 -7.85 -15.22 2.95
C GLU A 9 -8.69 -15.30 1.69
N GLU A 10 -8.83 -14.18 0.99
CA GLU A 10 -9.72 -14.08 -0.16
C GLU A 10 -9.11 -14.64 -1.44
N HIS A 11 -7.79 -14.86 -1.49
CA HIS A 11 -7.11 -15.23 -2.73
C HIS A 11 -5.95 -16.17 -2.45
N PRO A 12 -6.00 -17.41 -2.94
CA PRO A 12 -4.93 -18.37 -2.63
C PRO A 12 -3.61 -17.96 -3.26
N PHE A 13 -2.53 -18.43 -2.63
CA PHE A 13 -1.18 -18.02 -3.00
C PHE A 13 -0.92 -18.17 -4.49
N GLU A 14 -1.27 -19.33 -5.07
CA GLU A 14 -0.91 -19.54 -6.46
C GLU A 14 -1.63 -18.56 -7.40
N LYS A 15 -2.86 -18.19 -7.07
N LYS A 15 -2.88 -18.22 -7.07
CA LYS A 15 -3.57 -17.21 -7.88
CA LYS A 15 -3.58 -17.20 -7.86
C LYS A 15 -2.93 -15.83 -7.75
C LYS A 15 -2.89 -15.86 -7.75
N ARG A 16 -2.52 -15.46 -6.53
CA ARG A 16 -1.82 -14.19 -6.34
C ARG A 16 -0.51 -14.18 -7.10
N ARG A 17 0.28 -15.26 -6.95
CA ARG A 17 1.60 -15.31 -7.57
C ARG A 17 1.50 -15.23 -9.08
N SER A 18 0.57 -15.97 -9.68
N SER A 18 0.56 -15.96 -9.67
N SER A 18 0.56 -15.95 -9.68
CA SER A 18 0.40 -15.92 -11.12
CA SER A 18 0.40 -15.92 -11.12
CA SER A 18 0.42 -15.92 -11.13
C SER A 18 0.05 -14.51 -11.58
C SER A 18 0.03 -14.52 -11.59
C SER A 18 0.01 -14.53 -11.62
N GLU A 19 -0.86 -13.85 -10.86
CA GLU A 19 -1.25 -12.50 -11.22
C GLU A 19 -0.09 -11.53 -11.06
N GLY A 20 0.69 -11.67 -9.99
CA GLY A 20 1.80 -10.78 -9.75
C GLY A 20 2.88 -10.90 -10.80
N GLU A 21 3.21 -12.13 -11.21
CA GLU A 21 4.17 -12.32 -12.28
C GLU A 21 3.72 -11.62 -13.56
N LYS A 22 2.46 -11.81 -13.93
CA LYS A 22 1.95 -11.22 -15.17
C LYS A 22 1.94 -9.69 -15.10
N ILE A 23 1.55 -9.13 -13.96
CA ILE A 23 1.40 -7.67 -13.89
C ILE A 23 2.76 -6.99 -13.93
N ARG A 24 3.80 -7.64 -13.39
CA ARG A 24 5.15 -7.09 -13.46
C ARG A 24 5.66 -7.07 -14.89
N LYS A 25 5.35 -8.10 -15.67
CA LYS A 25 5.75 -8.11 -17.07
C LYS A 25 5.02 -7.06 -17.89
N LYS A 26 3.73 -6.85 -17.59
N LYS A 26 3.73 -6.85 -17.59
CA LYS A 26 2.95 -5.91 -18.38
CA LYS A 26 2.94 -5.90 -18.37
C LYS A 26 3.30 -4.46 -18.02
C LYS A 26 3.27 -4.46 -18.02
N TYR A 27 3.58 -4.19 -16.75
CA TYR A 27 3.80 -2.84 -16.26
C TYR A 27 5.06 -2.82 -15.41
N PRO A 28 6.25 -2.95 -16.03
CA PRO A 28 7.49 -3.09 -15.22
C PRO A 28 7.88 -1.83 -14.47
N ASP A 29 7.33 -0.68 -14.85
CA ASP A 29 7.56 0.59 -14.18
C ASP A 29 6.51 0.86 -13.11
N ARG A 30 5.72 -0.14 -12.74
CA ARG A 30 4.76 -0.07 -11.66
C ARG A 30 4.99 -1.26 -10.74
N VAL A 31 4.49 -1.15 -9.51
CA VAL A 31 4.54 -2.28 -8.59
C VAL A 31 3.16 -2.57 -8.01
N PRO A 32 2.82 -3.84 -7.90
CA PRO A 32 1.51 -4.22 -7.38
C PRO A 32 1.56 -4.25 -5.86
N VAL A 33 0.53 -3.68 -5.24
N VAL A 33 0.57 -3.63 -5.23
CA VAL A 33 0.50 -3.46 -3.80
CA VAL A 33 0.52 -3.51 -3.78
C VAL A 33 -0.86 -3.86 -3.26
C VAL A 33 -0.85 -3.91 -3.28
N ILE A 34 -0.87 -4.55 -2.12
CA ILE A 34 -2.08 -4.79 -1.35
C ILE A 34 -2.04 -3.80 -0.19
N VAL A 35 -3.10 -3.00 -0.05
CA VAL A 35 -3.19 -1.95 0.97
C VAL A 35 -4.37 -2.27 1.85
N GLU A 36 -4.14 -2.41 3.16
CA GLU A 36 -5.20 -2.66 4.11
C GLU A 36 -5.05 -1.75 5.32
N LYS A 37 -6.18 -1.43 5.94
N LYS A 37 -6.17 -1.45 5.97
CA LYS A 37 -6.18 -0.67 7.18
CA LYS A 37 -6.18 -0.65 7.18
C LYS A 37 -5.73 -1.59 8.32
C LYS A 37 -6.11 -1.56 8.40
N ALA A 38 -4.78 -1.12 9.12
N ALA A 38 -5.34 -1.12 9.39
CA ALA A 38 -4.33 -1.90 10.26
CA ALA A 38 -5.36 -1.80 10.68
C ALA A 38 -5.50 -2.17 11.21
C ALA A 38 -6.78 -1.76 11.24
N PRO A 39 -5.50 -3.33 11.87
N PRO A 39 -7.30 -2.88 11.75
CA PRO A 39 -6.64 -3.64 12.76
CA PRO A 39 -8.75 -2.93 12.07
C PRO A 39 -6.79 -2.62 13.86
C PRO A 39 -9.18 -1.91 13.11
N LYS A 40 -8.02 -2.12 14.02
N LYS A 40 -8.34 -1.64 14.11
CA LYS A 40 -8.49 -1.16 15.03
CA LYS A 40 -8.70 -0.72 15.17
C LYS A 40 -8.20 0.30 14.72
C LYS A 40 -8.50 0.74 14.78
N ALA A 41 -7.62 0.63 13.56
N ALA A 41 -7.86 1.02 13.65
CA ALA A 41 -7.36 2.04 13.26
CA ALA A 41 -7.63 2.39 13.25
C ALA A 41 -8.66 2.78 13.05
C ALA A 41 -8.96 3.07 12.92
N ARG A 42 -8.73 4.02 13.55
N ARG A 42 -9.25 4.17 13.60
CA ARG A 42 -9.97 4.78 13.55
CA ARG A 42 -10.52 4.85 13.44
C ARG A 42 -9.99 5.87 12.49
C ARG A 42 -10.57 5.75 12.20
N ILE A 43 -9.68 5.50 11.25
N ILE A 43 -9.64 5.58 11.27
CA ILE A 43 -9.75 6.40 10.10
CA ILE A 43 -9.61 6.37 10.05
C ILE A 43 -10.41 5.66 8.94
C ILE A 43 -10.43 5.68 8.96
N GLY A 44 -10.60 6.37 7.83
CA GLY A 44 -11.46 5.87 6.78
C GLY A 44 -10.93 4.63 6.07
N ASP A 45 -11.87 3.96 5.42
CA ASP A 45 -11.63 2.75 4.65
C ASP A 45 -11.63 3.03 3.16
N LEU A 46 -10.77 2.33 2.44
CA LEU A 46 -10.82 2.27 0.99
C LEU A 46 -11.83 1.20 0.56
N ASP A 47 -12.22 1.24 -0.71
CA ASP A 47 -13.15 0.25 -1.25
C ASP A 47 -12.46 -0.90 -1.95
N LYS A 48 -11.14 -0.81 -2.12
CA LYS A 48 -10.35 -1.84 -2.76
C LYS A 48 -9.14 -2.11 -1.87
N LYS A 49 -8.48 -3.24 -2.14
CA LYS A 49 -7.21 -3.59 -1.52
C LYS A 49 -6.06 -3.61 -2.51
N LYS A 50 -6.32 -3.93 -3.76
CA LYS A 50 -5.27 -4.14 -4.74
C LYS A 50 -5.09 -2.88 -5.59
N TYR A 51 -3.87 -2.36 -5.61
CA TYR A 51 -3.49 -1.16 -6.33
C TYR A 51 -2.25 -1.44 -7.16
N LEU A 52 -2.03 -0.64 -8.20
CA LEU A 52 -0.86 -0.79 -9.06
C LEU A 52 -0.24 0.60 -9.19
N VAL A 53 0.87 0.82 -8.49
CA VAL A 53 1.37 2.17 -8.27
C VAL A 53 2.67 2.39 -9.03
N PRO A 54 3.00 3.63 -9.38
CA PRO A 54 4.28 3.87 -10.05
C PRO A 54 5.45 3.49 -9.17
N SER A 55 6.47 2.86 -9.76
N SER A 55 6.44 2.83 -9.77
CA SER A 55 7.66 2.53 -9.00
CA SER A 55 7.67 2.53 -9.07
C SER A 55 8.30 3.77 -8.38
C SER A 55 8.37 3.78 -8.56
N ASP A 56 8.24 4.91 -9.07
N ASP A 56 8.10 4.94 -9.16
CA ASP A 56 8.90 6.10 -8.54
CA ASP A 56 8.75 6.18 -8.78
C ASP A 56 8.03 6.94 -7.61
C ASP A 56 7.97 6.98 -7.75
N LEU A 57 6.78 6.53 -7.35
CA LEU A 57 5.99 7.20 -6.33
C LEU A 57 6.65 7.04 -4.97
N THR A 58 6.72 8.13 -4.19
CA THR A 58 7.29 8.01 -2.86
C THR A 58 6.21 7.69 -1.83
N VAL A 59 6.66 7.17 -0.68
CA VAL A 59 5.76 7.01 0.46
C VAL A 59 5.05 8.32 0.76
N GLY A 60 5.81 9.43 0.77
CA GLY A 60 5.20 10.72 1.06
C GLY A 60 4.10 11.09 0.08
N GLN A 61 4.31 10.82 -1.22
CA GLN A 61 3.26 11.10 -2.19
C GLN A 61 2.05 10.19 -1.96
N PHE A 62 2.29 8.94 -1.58
CA PHE A 62 1.19 8.02 -1.27
C PHE A 62 0.42 8.50 -0.04
N TYR A 63 1.13 8.97 0.98
CA TYR A 63 0.45 9.55 2.15
C TYR A 63 -0.46 10.69 1.72
N PHE A 64 0.05 11.61 0.89
CA PHE A 64 -0.73 12.77 0.47
C PHE A 64 -2.01 12.33 -0.22
N LEU A 65 -1.89 11.35 -1.12
CA LEU A 65 -3.06 10.87 -1.87
C LEU A 65 -4.07 10.18 -0.95
N ILE A 66 -3.61 9.35 -0.01
N ILE A 66 -3.60 9.28 -0.09
CA ILE A 66 -4.56 8.71 0.91
CA ILE A 66 -4.49 8.56 0.83
C ILE A 66 -5.24 9.74 1.80
C ILE A 66 -5.19 9.55 1.75
N ARG A 67 -4.48 10.69 2.35
N ARG A 67 -4.43 10.49 2.31
CA ARG A 67 -5.08 11.70 3.21
CA ARG A 67 -4.99 11.47 3.23
C ARG A 67 -6.23 12.42 2.52
C ARG A 67 -6.19 12.19 2.61
N LYS A 68 -6.07 12.74 1.24
N LYS A 68 -6.04 12.64 1.37
CA LYS A 68 -7.13 13.42 0.50
CA LYS A 68 -7.14 13.34 0.71
C LYS A 68 -8.24 12.46 0.07
C LYS A 68 -8.25 12.39 0.30
N ARG A 69 -7.89 11.21 -0.24
CA ARG A 69 -8.89 10.23 -0.64
C ARG A 69 -9.85 9.87 0.50
N ILE A 70 -9.34 9.72 1.73
CA ILE A 70 -10.18 9.37 2.86
C ILE A 70 -10.53 10.58 3.73
N HIS A 71 -10.26 11.79 3.24
N HIS A 71 -10.25 11.79 3.25
CA HIS A 71 -10.73 13.02 3.87
CA HIS A 71 -10.70 13.02 3.87
C HIS A 71 -10.23 13.15 5.31
C HIS A 71 -10.23 13.14 5.32
N LEU A 72 -8.95 12.86 5.53
CA LEU A 72 -8.39 12.99 6.87
C LEU A 72 -8.39 14.46 7.29
N ARG A 73 -8.60 14.67 8.58
CA ARG A 73 -8.45 16.00 9.16
C ARG A 73 -6.98 16.27 9.42
N ALA A 74 -6.65 17.57 9.56
CA ALA A 74 -5.26 17.94 9.82
C ALA A 74 -4.73 17.28 11.08
N GLU A 75 -5.59 17.14 12.10
CA GLU A 75 -5.17 16.54 13.36
C GLU A 75 -5.12 15.03 13.32
N ASP A 76 -5.47 14.41 12.20
CA ASP A 76 -5.40 12.97 12.05
C ASP A 76 -4.01 12.58 11.55
N ALA A 77 -3.43 11.56 12.17
CA ALA A 77 -2.16 11.02 11.72
C ALA A 77 -2.40 9.94 10.67
N LEU A 78 -1.35 9.66 9.91
CA LEU A 78 -1.39 8.57 8.93
C LEU A 78 0.00 7.95 8.86
N PHE A 79 0.07 6.64 9.11
CA PHE A 79 1.32 5.89 9.06
C PHE A 79 1.14 4.69 8.15
N PHE A 80 2.22 4.33 7.45
CA PHE A 80 2.33 3.05 6.76
C PHE A 80 3.20 2.10 7.57
N PHE A 81 2.93 0.80 7.41
CA PHE A 81 3.78 -0.26 7.94
C PHE A 81 4.00 -1.29 6.84
N VAL A 82 5.25 -1.70 6.67
CA VAL A 82 5.60 -2.87 5.89
C VAL A 82 6.33 -3.80 6.84
N ASN A 83 5.83 -5.01 7.00
CA ASN A 83 6.38 -5.95 7.97
C ASN A 83 6.54 -5.30 9.35
N ASN A 84 5.50 -4.58 9.76
N ASN A 84 5.50 -4.58 9.76
CA ASN A 84 5.39 -3.98 11.10
CA ASN A 84 5.39 -3.97 11.09
C ASN A 84 6.36 -2.82 11.33
C ASN A 84 6.34 -2.80 11.32
N VAL A 85 6.97 -2.27 10.28
CA VAL A 85 7.93 -1.19 10.40
C VAL A 85 7.51 -0.05 9.48
N ILE A 86 7.59 1.18 9.98
CA ILE A 86 7.25 2.35 9.17
C ILE A 86 8.33 2.57 8.10
N PRO A 87 8.00 2.54 6.83
CA PRO A 87 9.00 2.79 5.78
C PRO A 87 9.34 4.26 5.71
N PRO A 88 10.54 4.62 5.25
CA PRO A 88 10.90 6.03 5.14
C PRO A 88 9.98 6.78 4.19
N THR A 89 9.61 8.00 4.59
CA THR A 89 8.74 8.83 3.77
C THR A 89 9.36 9.11 2.40
N SER A 90 10.69 9.19 2.34
CA SER A 90 11.39 9.45 1.09
C SER A 90 11.53 8.22 0.19
N ALA A 91 11.24 7.02 0.68
CA ALA A 91 11.44 5.82 -0.13
C ALA A 91 10.46 5.77 -1.29
N THR A 92 10.92 5.25 -2.43
CA THR A 92 10.01 4.98 -3.52
C THR A 92 9.36 3.61 -3.35
N MET A 93 8.19 3.47 -3.98
N MET A 93 8.21 3.45 -4.02
CA MET A 93 7.50 2.18 -4.00
CA MET A 93 7.51 2.17 -3.96
C MET A 93 8.37 1.11 -4.62
C MET A 93 8.27 1.08 -4.70
N GLY A 94 9.09 1.45 -5.70
CA GLY A 94 9.96 0.47 -6.33
C GLY A 94 11.05 -0.02 -5.39
N GLN A 95 11.62 0.89 -4.59
N GLN A 95 11.63 0.89 -4.59
CA GLN A 95 12.63 0.48 -3.63
CA GLN A 95 12.63 0.48 -3.62
C GLN A 95 12.02 -0.40 -2.54
C GLN A 95 12.02 -0.43 -2.56
N LEU A 96 10.84 -0.05 -2.04
CA LEU A 96 10.18 -0.90 -1.04
C LEU A 96 9.83 -2.25 -1.64
N TYR A 97 9.39 -2.28 -2.89
CA TYR A 97 9.06 -3.53 -3.55
C TYR A 97 10.28 -4.43 -3.65
N GLN A 98 11.40 -3.88 -4.13
N GLN A 98 11.42 -3.84 -4.04
CA GLN A 98 12.60 -4.69 -4.28
CA GLN A 98 12.68 -4.56 -4.14
C GLN A 98 12.96 -5.38 -2.97
C GLN A 98 13.18 -5.03 -2.77
N GLU A 99 12.90 -4.64 -1.86
N GLU A 99 12.82 -4.33 -1.70
CA GLU A 99 13.33 -5.14 -0.56
CA GLU A 99 13.25 -4.70 -0.36
C GLU A 99 12.31 -6.06 0.07
C GLU A 99 12.30 -5.67 0.33
N HIS A 100 11.01 -5.75 -0.05
N HIS A 100 11.00 -5.66 -0.01
CA HIS A 100 9.99 -6.33 0.81
CA HIS A 100 10.00 -6.33 0.81
C HIS A 100 8.92 -7.13 0.08
C HIS A 100 8.93 -7.12 0.08
N HIS A 101 8.93 -7.21 -1.25
CA HIS A 101 7.89 -7.97 -1.93
C HIS A 101 7.86 -9.42 -1.44
N GLU A 102 6.66 -9.98 -1.36
CA GLU A 102 6.50 -11.36 -0.98
C GLU A 102 6.67 -12.28 -2.19
N GLU A 103 6.61 -13.58 -1.93
CA GLU A 103 6.82 -14.56 -2.99
C GLU A 103 5.69 -14.60 -4.01
N ASP A 104 4.57 -13.94 -3.73
CA ASP A 104 3.51 -13.79 -4.72
C ASP A 104 3.73 -12.57 -5.62
N PHE A 105 4.87 -11.89 -5.49
CA PHE A 105 5.22 -10.72 -6.28
C PHE A 105 4.44 -9.45 -5.91
N PHE A 106 3.73 -9.46 -4.77
CA PHE A 106 3.06 -8.26 -4.27
C PHE A 106 3.83 -7.67 -3.10
N LEU A 107 3.73 -6.34 -2.96
CA LEU A 107 4.13 -5.62 -1.76
C LEU A 107 2.90 -5.38 -0.90
N TYR A 108 3.03 -5.57 0.41
CA TYR A 108 1.92 -5.47 1.35
C TYR A 108 2.15 -4.28 2.26
N ILE A 109 1.18 -3.36 2.30
CA ILE A 109 1.26 -2.14 3.10
C ILE A 109 0.01 -2.06 3.99
N ALA A 110 0.22 -1.83 5.28
CA ALA A 110 -0.88 -1.50 6.17
C ALA A 110 -0.83 0.00 6.49
N TYR A 111 -2.00 0.61 6.66
CA TYR A 111 -2.05 2.00 7.09
C TYR A 111 -2.85 2.13 8.38
N SER A 112 -2.52 3.16 9.16
CA SER A 112 -3.09 3.30 10.48
C SER A 112 -3.01 4.75 10.94
N ASP A 113 -3.78 5.06 11.98
CA ASP A 113 -3.66 6.31 12.72
C ASP A 113 -2.73 6.19 13.92
N GLU A 114 -2.11 5.03 14.14
N GLU A 114 -2.20 5.00 14.17
CA GLU A 114 -1.17 4.82 15.22
CA GLU A 114 -1.36 4.71 15.33
C GLU A 114 0.19 4.42 14.65
C GLU A 114 0.10 4.60 14.90
N SER A 115 1.24 4.66 15.43
N SER A 115 0.99 5.02 15.80
CA SER A 115 2.62 4.44 14.98
CA SER A 115 2.41 5.14 15.49
C SER A 115 3.13 3.05 15.31
C SER A 115 3.19 3.85 15.74
N VAL A 116 2.32 2.21 15.94
N VAL A 116 2.54 2.83 16.30
CA VAL A 116 2.65 0.82 16.21
CA VAL A 116 3.15 1.54 16.62
C VAL A 116 1.54 -0.02 15.59
C VAL A 116 2.13 0.43 16.39
N TYR A 117 1.94 -1.02 14.80
N TYR A 117 2.14 -0.19 15.22
CA TYR A 117 0.96 -1.81 14.06
CA TYR A 117 1.17 -1.24 14.91
C TYR A 117 -0.02 -2.54 14.97
C TYR A 117 1.75 -2.63 15.15
N ASP B 2 -0.98 17.79 -8.80
N ASP B 2 -0.28 15.13 -8.59
CA ASP B 2 -0.13 17.06 -9.73
CA ASP B 2 -0.30 16.26 -9.51
C ASP B 2 -0.99 16.33 -10.76
C ASP B 2 -1.09 15.91 -10.78
N ALA B 3 -0.60 16.41 -12.04
N ALA B 3 -0.57 16.30 -11.93
CA ALA B 3 -1.45 15.90 -13.11
CA ALA B 3 -1.25 16.00 -13.19
C ALA B 3 -1.07 14.52 -13.61
C ALA B 3 -1.10 14.52 -13.54
N TYR B 5 0.43 11.95 -10.85
CA TYR B 5 0.25 11.19 -9.63
C TYR B 5 -1.08 11.54 -8.98
N THR B 6 -2.15 10.94 -9.48
CA THR B 6 -3.50 11.14 -8.98
C THR B 6 -4.00 9.86 -8.33
N TRP B 7 -5.15 9.94 -7.66
CA TRP B 7 -5.73 8.73 -7.10
C TRP B 7 -5.98 7.69 -8.19
N GLU B 8 -6.55 8.11 -9.32
CA GLU B 8 -6.87 7.14 -10.37
C GLU B 8 -5.60 6.53 -10.98
N CYS B 9 -4.47 7.25 -10.94
CA CYS B 9 -3.21 6.67 -11.40
C CYS B 9 -2.90 5.37 -10.68
N LEU B 10 -3.30 5.25 -9.42
CA LEU B 10 -2.95 4.08 -8.61
C LEU B 10 -3.88 2.90 -8.82
N ALA B 11 -4.97 3.08 -9.56
CA ALA B 11 -5.98 2.04 -9.64
C ALA B 11 -5.48 0.83 -10.39
N TRP B 12 -5.85 -0.35 -9.91
CA TRP B 12 -5.55 -1.58 -10.63
C TRP B 12 -6.19 -1.50 -12.02
N PRO B 13 -5.50 -1.90 -13.08
CA PRO B 13 -6.07 -1.78 -14.42
C PRO B 13 -7.29 -2.68 -14.65
#